data_8ERQ
#
_entry.id   8ERQ
#
loop_
_entity.id
_entity.type
_entity.pdbx_description
1 polymer 'S2X324 Fab heavy chain'
2 polymer 'S2X324 Fab light chain'
3 polymer 'Spike glycoprotein'
4 non-polymer 2-acetamido-2-deoxy-beta-D-glucopyranose
#
loop_
_entity_poly.entity_id
_entity_poly.type
_entity_poly.pdbx_seq_one_letter_code
_entity_poly.pdbx_strand_id
1 'polypeptide(L)'
;QITLKESGPTLVKPTQTLTLTCTFSGFSVTTSGVGVGWIRQPPGKALEYLALIYWDDDKRYSTSLKSRLTITKDTSKNQV
VLTMTNMDPVDTATYYCARHTIPSIFDYWGQGILVTVSS
;
H
2 'polypeptide(L)'
;QPVLTQPASVSGSPGQSITISCTATSSDVGNYNYVSWYQHHPGKAPKLMIYEVSNRPSGVSNRFSGSKSGNTASLTISGL
QAEDEADYYCSSYTSSSLLFGGGTKLTVLG
;
L
3 'polypeptide(L)'
;MFVFLVLLPLVSSQCVNLTTRTQLPPAYTNSFTRGVYYPDKVFRSSVLHSTQDLFLPFFSNVTWFHVISGTNGTKRFDNP
VLPFNDGVYFASIEKSNIIRGWIFGTTLDSKTQSLLIVNNATNVVIKVCEFQFCNDPFLDHKNNKSWMESEFRVYSSANN
CTFEYVSQPFLMDLEGKQGNFKNLREFVFKNIDGYFKIYSKHTPIIVREPEDLPQGFSALEPLVDLPIGINITRFQTLLA
LHRSYLTPGDSSSGWTAGAAAYYVGYLQPRTFLLKYNENGTITDAVDCALDPLSETKCTLKSFTVEKGIYQTSNFRVQPT
ESIVRFPNITNLCPFDEVFNATRFASVYAWNRKRISNCVADYSVLYNLAPFFTFKCYGVSPTKLNDLCFTNVYADSFVIR
GDEVRQIAPGQTGNIADYNYKLPDDFTGCVIAWNSNKLDSKVSGNYNYLYRLFRKSNLKPFERDISTEIYQAGNKPCNGV
AGFNCYFPLRSYSFRPTYGVGHQPYRVVVLSFELLHAPATVCGPKKSTNLVKNKCVNFNFNGLKGTGVLTESNKKFLPFQ
QFGRDIADTTDAVRDPQTLEILDITPCSFGGVSVITPGTNTSNQVAVLYQGVNCTEVPVAIHADQLTPTWRVYSTGSNVF
QTRAGCLIGAEYVNNSYECDIPIGAGICASYQTQTKSHRRARSVASQSIIAYTMSLGAENSVACSNNSIAIPTNFTISVT
TEILPVSMTKTSVDCTMYICGDSTECSNLLLQYGSFCTQLKRALTGIAVEQDKNTQEVFAQVKQIYKTPPIKYFGGFNFS
QILPDPSKPSKRSPIEDLLFNKVTLADAGFIKQYGDCLGDIAARDLICAQKFKGLTVLPPLLTDEMIAQYTSALLAGTIC
SGWTFGAGPALQIPFPMQMAYRFNGIGVTQNVLYENQKLIANQFNSAIGKIQDSLSSTPSALGKLQDVVNHNAQALNTLV
KQLSSKFGAISSVLNDIFSRLDKPEAEVQIDRLITGRLQSLQTYVTQQLIRAAEIRASANLAATKMSECVLGQSKRVDFC
GKGYHLMSFPQSAPHGVVFLHVTYVPAQEKNFTTAPAICHDGKAHFPREGVFVSNGTHWFVTQRNFYEPQIITTDNTFVS
GNCDVVIGIVNNTVYDPLQPELDSFKEELDKYFKNHTSPDVDLGDISGINASVVNIQKEIDRLNEVAKNLNESLIDLQEL
GKYEQGSGYIPEAPRDGQAYVRKDGEWVLLSTFLGRSLEVLFQGPGSGGLNDIFEAQKIEWHEGSGHHHHHHHH
;
A
#
# COMPACT_ATOMS: atom_id res chain seq x y z
N ILE A 2 11.84 12.93 -12.11
CA ILE A 2 10.42 12.81 -11.81
C ILE A 2 9.75 14.18 -11.91
N THR A 3 8.91 14.37 -12.93
CA THR A 3 8.19 15.63 -13.13
C THR A 3 6.72 15.39 -13.42
N LEU A 4 5.89 16.33 -12.98
CA LEU A 4 4.46 16.33 -13.29
C LEU A 4 4.02 17.75 -13.65
N LYS A 5 3.33 17.89 -14.78
CA LYS A 5 2.88 19.19 -15.27
C LYS A 5 1.37 19.21 -15.40
N GLU A 6 0.76 20.35 -15.10
CA GLU A 6 -0.68 20.47 -15.14
C GLU A 6 -1.14 21.52 -16.14
N SER A 7 -2.06 21.13 -17.00
CA SER A 7 -2.61 22.04 -18.00
C SER A 7 -4.13 21.98 -18.02
N GLY A 8 -4.75 23.03 -18.56
CA GLY A 8 -6.20 23.09 -18.69
C GLY A 8 -6.66 24.52 -18.53
N PRO A 9 -7.96 24.77 -18.68
CA PRO A 9 -8.61 26.07 -18.60
C PRO A 9 -8.33 26.73 -17.27
N THR A 10 -7.98 28.01 -17.31
CA THR A 10 -7.73 28.78 -16.09
C THR A 10 -9.01 29.47 -15.66
N LEU A 11 -9.88 29.76 -16.62
CA LEU A 11 -11.12 30.44 -16.33
C LEU A 11 -12.32 29.55 -16.64
N VAL A 12 -13.18 29.38 -15.63
CA VAL A 12 -14.40 28.58 -15.75
C VAL A 12 -15.57 29.41 -15.22
N LYS A 13 -16.80 29.13 -15.68
CA LYS A 13 -17.95 29.88 -15.21
C LYS A 13 -18.91 28.94 -14.46
N PRO A 14 -19.78 29.48 -13.60
CA PRO A 14 -20.71 28.74 -12.77
C PRO A 14 -21.55 27.78 -13.59
N THR A 15 -21.80 26.60 -13.02
CA THR A 15 -22.60 25.50 -13.58
C THR A 15 -21.92 24.81 -14.77
N GLN A 16 -20.71 25.25 -15.10
CA GLN A 16 -19.94 24.63 -16.17
C GLN A 16 -19.20 23.42 -15.62
N THR A 17 -18.46 22.73 -16.49
CA THR A 17 -17.67 21.57 -16.06
C THR A 17 -16.18 21.88 -16.14
N LEU A 18 -15.48 21.57 -15.06
CA LEU A 18 -14.03 21.77 -14.98
C LEU A 18 -13.29 20.53 -15.43
N THR A 19 -12.23 20.71 -16.19
CA THR A 19 -11.38 19.60 -16.60
C THR A 19 -9.91 19.98 -16.50
N LEU A 20 -9.12 19.10 -15.90
CA LEU A 20 -7.68 19.31 -15.80
C LEU A 20 -6.93 18.07 -16.23
N THR A 21 -5.87 18.26 -17.00
CA THR A 21 -5.07 17.16 -17.50
C THR A 21 -3.63 17.23 -16.99
N CYS A 22 -3.17 16.14 -16.38
CA CYS A 22 -1.82 16.02 -15.79
C CYS A 22 -0.93 15.14 -16.65
N THR A 23 0.21 15.69 -17.04
CA THR A 23 1.20 14.95 -17.82
C THR A 23 2.39 14.59 -16.94
N PHE A 24 2.77 13.32 -16.91
CA PHE A 24 3.90 12.93 -16.08
C PHE A 24 4.97 12.21 -16.86
N SER A 25 6.20 12.30 -16.38
CA SER A 25 7.32 11.61 -17.00
C SER A 25 8.41 11.32 -15.98
N GLY A 26 9.31 10.40 -16.32
CA GLY A 26 10.39 10.02 -15.43
C GLY A 26 10.05 8.73 -14.70
N PHE A 27 8.79 8.33 -14.79
CA PHE A 27 8.32 7.11 -14.16
C PHE A 27 7.09 6.58 -14.87
N SER A 28 6.75 5.33 -14.61
CA SER A 28 5.51 4.76 -15.11
C SER A 28 4.53 4.62 -13.95
N VAL A 29 3.24 4.69 -14.25
CA VAL A 29 2.23 4.51 -13.22
C VAL A 29 1.81 3.06 -13.14
N THR A 30 2.22 2.27 -14.12
CA THR A 30 1.84 0.87 -14.20
C THR A 30 2.72 -0.02 -13.34
N THR A 31 2.87 0.34 -12.07
CA THR A 31 3.65 -0.45 -11.13
C THR A 31 2.90 -0.62 -9.82
N SER A 32 3.22 -1.68 -9.09
CA SER A 32 2.54 -1.94 -7.83
C SER A 32 2.81 -0.86 -6.79
N GLY A 33 1.75 -0.41 -6.13
CA GLY A 33 1.85 0.56 -5.05
C GLY A 33 1.94 2.01 -5.51
N VAL A 34 1.84 2.24 -6.82
CA VAL A 34 1.97 3.60 -7.35
C VAL A 34 0.72 4.09 -8.06
N GLY A 35 0.26 5.28 -7.66
CA GLY A 35 -0.88 5.92 -8.32
C GLY A 35 -0.63 7.41 -8.52
N VAL A 36 -1.66 8.12 -8.98
CA VAL A 36 -1.62 9.57 -9.17
C VAL A 36 -2.89 10.20 -8.60
N GLY A 37 -2.75 11.27 -7.83
CA GLY A 37 -3.93 11.89 -7.24
C GLY A 37 -3.96 13.41 -7.41
N TRP A 38 -5.09 13.99 -7.03
CA TRP A 38 -5.30 15.43 -7.13
C TRP A 38 -5.67 16.04 -5.78
N ILE A 39 -5.10 17.20 -5.51
CA ILE A 39 -5.34 17.97 -4.30
C ILE A 39 -5.65 19.41 -4.68
N ARG A 40 -6.53 20.07 -3.95
CA ARG A 40 -6.78 21.48 -4.23
C ARG A 40 -6.60 22.34 -3.00
N GLN A 41 -6.21 23.57 -3.20
CA GLN A 41 -6.04 24.50 -2.09
C GLN A 41 -6.69 25.85 -2.36
N PRO A 42 -7.88 26.10 -1.81
CA PRO A 42 -8.58 27.36 -1.88
C PRO A 42 -7.78 28.36 -1.05
N PRO A 43 -7.82 29.64 -1.40
CA PRO A 43 -6.98 30.69 -0.86
C PRO A 43 -7.14 30.85 0.64
N GLY A 44 -6.02 30.82 1.35
CA GLY A 44 -6.00 31.03 2.79
C GLY A 44 -6.43 29.79 3.57
N LYS A 45 -6.67 28.68 2.87
CA LYS A 45 -7.18 27.48 3.51
C LYS A 45 -6.24 26.29 3.37
N ALA A 46 -6.55 25.22 4.11
CA ALA A 46 -5.78 23.99 4.12
C ALA A 46 -5.96 23.17 2.86
N LEU A 47 -5.04 22.24 2.62
CA LEU A 47 -5.09 21.36 1.46
C LEU A 47 -6.26 20.40 1.55
N GLU A 48 -6.97 20.20 0.44
CA GLU A 48 -8.09 19.28 0.40
C GLU A 48 -7.89 18.17 -0.64
N TYR A 49 -8.03 16.93 -0.21
CA TYR A 49 -7.92 15.78 -1.10
C TYR A 49 -9.15 15.63 -1.98
N LEU A 50 -8.95 15.39 -3.28
CA LEU A 50 -10.07 15.22 -4.21
C LEU A 50 -10.21 13.80 -4.72
N ALA A 51 -9.20 13.31 -5.44
CA ALA A 51 -9.32 12.02 -6.12
C ALA A 51 -7.98 11.33 -6.28
N LEU A 52 -8.04 10.01 -6.44
CA LEU A 52 -6.87 9.17 -6.61
C LEU A 52 -7.12 7.99 -7.55
N ILE A 53 -6.20 7.76 -8.48
CA ILE A 53 -6.30 6.60 -9.37
C ILE A 53 -5.05 5.72 -9.25
N TYR A 54 -5.25 4.40 -9.21
CA TYR A 54 -4.16 3.45 -9.06
C TYR A 54 -3.72 2.83 -10.38
N TRP A 55 -2.63 2.08 -10.33
CA TRP A 55 -2.04 1.45 -11.51
C TRP A 55 -2.99 0.46 -12.19
N ASP A 56 -3.91 -0.11 -11.41
CA ASP A 56 -4.83 -1.12 -11.91
C ASP A 56 -6.21 -0.53 -12.21
N ASP A 57 -6.27 0.80 -12.26
CA ASP A 57 -7.48 1.53 -12.59
C ASP A 57 -8.53 1.54 -11.48
N ASP A 58 -8.15 1.18 -10.26
CA ASP A 58 -9.04 1.44 -9.13
C ASP A 58 -9.14 2.94 -8.90
N LYS A 59 -10.35 3.40 -8.57
CA LYS A 59 -10.58 4.83 -8.41
C LYS A 59 -11.16 5.16 -7.05
N ARG A 60 -10.60 6.19 -6.42
CA ARG A 60 -11.06 6.64 -5.11
C ARG A 60 -11.35 8.13 -5.14
N TYR A 61 -12.36 8.55 -4.38
CA TYR A 61 -12.75 9.95 -4.34
C TYR A 61 -12.99 10.42 -2.92
N SER A 62 -12.85 11.73 -2.68
CA SER A 62 -13.21 12.32 -1.41
C SER A 62 -14.67 12.02 -1.10
N THR A 63 -14.95 11.76 0.18
CA THR A 63 -16.27 11.28 0.58
C THR A 63 -17.37 12.32 0.44
N SER A 64 -17.01 13.59 0.28
CA SER A 64 -18.00 14.64 0.11
C SER A 64 -18.14 15.07 -1.36
N LEU A 65 -17.16 14.71 -2.19
CA LEU A 65 -17.16 15.16 -3.58
C LEU A 65 -17.28 13.99 -4.55
N LYS A 66 -17.61 12.81 -4.03
CA LYS A 66 -17.62 11.61 -4.84
C LYS A 66 -18.63 11.70 -5.97
N SER A 67 -19.73 12.40 -5.73
CA SER A 67 -20.81 12.51 -6.70
C SER A 67 -20.51 13.53 -7.80
N ARG A 68 -19.40 14.26 -7.68
CA ARG A 68 -19.06 15.27 -8.67
C ARG A 68 -17.76 14.97 -9.42
N LEU A 69 -16.85 14.23 -8.79
CA LEU A 69 -15.55 13.98 -9.39
C LEU A 69 -15.51 12.70 -10.21
N THR A 70 -14.78 12.74 -11.32
CA THR A 70 -14.46 11.55 -12.12
C THR A 70 -12.99 11.59 -12.54
N ILE A 71 -12.30 10.45 -12.38
CA ILE A 71 -10.88 10.40 -12.77
C ILE A 71 -10.59 9.24 -13.71
N THR A 72 -9.81 9.50 -14.74
CA THR A 72 -9.38 8.47 -15.69
C THR A 72 -7.91 8.60 -16.01
N LYS A 73 -7.32 7.56 -16.58
CA LYS A 73 -5.92 7.62 -17.00
C LYS A 73 -5.70 7.04 -18.39
N ASP A 74 -4.62 7.48 -19.03
CA ASP A 74 -4.19 6.96 -20.32
C ASP A 74 -2.68 6.70 -20.29
N THR A 75 -2.31 5.42 -20.24
CA THR A 75 -0.93 5.03 -20.04
C THR A 75 -0.11 5.02 -21.32
N SER A 76 -0.76 5.28 -22.44
CA SER A 76 -0.06 5.31 -23.73
C SER A 76 0.71 6.62 -23.88
N LYS A 77 0.19 7.69 -23.28
CA LYS A 77 0.83 9.00 -23.36
C LYS A 77 0.95 9.67 -22.00
N ASN A 78 0.96 8.87 -20.94
CA ASN A 78 1.19 9.32 -19.57
C ASN A 78 0.28 10.47 -19.14
N GLN A 79 -1.03 10.33 -19.39
CA GLN A 79 -1.97 11.36 -18.99
C GLN A 79 -2.89 10.90 -17.87
N VAL A 80 -3.21 11.82 -16.96
CA VAL A 80 -4.26 11.60 -15.97
C VAL A 80 -5.25 12.76 -16.02
N VAL A 81 -6.53 12.44 -16.17
CA VAL A 81 -7.54 13.48 -16.33
C VAL A 81 -8.60 13.49 -15.24
N LEU A 82 -8.81 14.66 -14.66
CA LEU A 82 -9.82 14.84 -13.64
C LEU A 82 -10.91 15.80 -14.11
N THR A 83 -12.17 15.42 -13.93
CA THR A 83 -13.27 16.31 -14.26
C THR A 83 -14.14 16.55 -13.03
N MET A 84 -14.71 17.75 -12.96
CA MET A 84 -15.58 18.12 -11.84
C MET A 84 -16.78 18.91 -12.33
N THR A 85 -17.97 18.34 -12.18
CA THR A 85 -19.17 18.95 -12.73
C THR A 85 -19.82 19.96 -11.79
N ASN A 86 -20.75 20.74 -12.34
CA ASN A 86 -21.54 21.70 -11.56
C ASN A 86 -20.66 22.66 -10.75
N MET A 87 -19.71 23.31 -11.40
CA MET A 87 -18.81 24.20 -10.69
C MET A 87 -19.55 25.36 -10.02
N ASP A 88 -19.17 25.61 -8.77
CA ASP A 88 -19.72 26.71 -7.98
C ASP A 88 -18.66 27.81 -7.86
N PRO A 89 -19.05 29.08 -7.75
CA PRO A 89 -18.19 30.21 -7.45
C PRO A 89 -17.27 29.97 -6.24
N VAL A 90 -17.70 29.15 -5.29
CA VAL A 90 -16.86 28.90 -4.12
C VAL A 90 -15.72 27.94 -4.44
N ASP A 91 -15.81 27.23 -5.56
CA ASP A 91 -14.80 26.26 -5.93
C ASP A 91 -13.65 26.90 -6.71
N THR A 92 -13.05 27.90 -6.09
CA THR A 92 -11.86 28.55 -6.64
C THR A 92 -10.65 28.14 -5.83
N ALA A 93 -9.66 27.58 -6.50
CA ALA A 93 -8.53 26.99 -5.80
C ALA A 93 -7.36 26.75 -6.72
N THR A 94 -6.19 26.52 -6.14
CA THR A 94 -5.06 26.04 -6.89
C THR A 94 -5.06 24.52 -6.84
N TYR A 95 -5.03 23.89 -8.01
CA TYR A 95 -5.07 22.45 -8.09
C TYR A 95 -3.67 21.89 -8.25
N TYR A 96 -3.43 20.73 -7.64
CA TYR A 96 -2.13 20.08 -7.72
C TYR A 96 -2.27 18.62 -8.15
N CYS A 97 -1.31 18.17 -8.96
CA CYS A 97 -1.15 16.77 -9.36
C CYS A 97 0.08 16.22 -8.65
N ALA A 98 -0.07 15.07 -7.99
CA ALA A 98 1.04 14.50 -7.23
C ALA A 98 1.04 12.99 -7.31
N ARG A 99 2.20 12.38 -7.09
CA ARG A 99 2.34 10.94 -7.15
C ARG A 99 1.91 10.34 -5.81
N HIS A 100 1.22 9.20 -5.86
CA HIS A 100 0.70 8.59 -4.64
C HIS A 100 1.33 7.24 -4.32
N THR A 101 1.81 7.10 -3.10
CA THR A 101 2.33 5.85 -2.58
C THR A 101 1.85 5.62 -1.15
N ILE A 102 2.04 4.43 -0.61
CA ILE A 102 1.55 4.15 0.73
C ILE A 102 2.38 4.76 1.87
N PRO A 103 3.70 4.48 2.01
CA PRO A 103 4.55 4.94 3.10
C PRO A 103 4.65 6.46 3.14
N SER A 104 4.47 7.08 1.98
CA SER A 104 4.42 8.53 1.85
C SER A 104 3.22 8.88 1.01
N ILE A 105 2.27 9.58 1.59
CA ILE A 105 0.97 9.74 0.95
C ILE A 105 1.11 10.40 -0.42
N PHE A 106 1.78 11.55 -0.47
CA PHE A 106 2.08 12.17 -1.75
C PHE A 106 3.51 12.67 -1.81
N ASP A 107 4.10 12.63 -2.99
CA ASP A 107 5.40 13.26 -3.19
C ASP A 107 5.52 13.80 -4.62
N TYR A 108 6.66 14.42 -4.91
CA TYR A 108 6.87 14.99 -6.24
C TYR A 108 5.66 15.77 -6.72
N TRP A 109 5.26 16.76 -5.94
CA TRP A 109 4.10 17.58 -6.29
C TRP A 109 4.43 18.48 -7.47
N GLY A 110 3.48 18.67 -8.37
CA GLY A 110 3.66 19.62 -9.47
C GLY A 110 3.48 21.05 -8.98
N GLN A 111 3.79 22.01 -9.85
CA GLN A 111 3.73 23.42 -9.48
C GLN A 111 2.30 23.90 -9.22
N GLY A 112 1.33 23.25 -9.84
CA GLY A 112 -0.07 23.57 -9.61
C GLY A 112 -0.64 24.54 -10.64
N ILE A 113 -1.96 24.51 -10.80
CA ILE A 113 -2.66 25.39 -11.72
C ILE A 113 -3.82 26.10 -11.04
N LEU A 114 -3.85 27.42 -11.14
CA LEU A 114 -4.89 28.19 -10.49
C LEU A 114 -6.11 28.32 -11.39
N VAL A 115 -7.26 27.91 -10.87
CA VAL A 115 -8.50 28.00 -11.62
C VAL A 115 -9.52 28.86 -10.91
N THR A 116 -10.05 29.83 -11.63
CA THR A 116 -11.04 30.76 -11.10
C THR A 116 -12.41 30.54 -11.72
N VAL A 117 -13.44 30.49 -10.88
CA VAL A 117 -14.81 30.34 -11.36
C VAL A 117 -15.55 31.67 -11.29
N SER A 118 -15.95 32.19 -12.46
CA SER A 118 -16.58 33.50 -12.59
C SER A 118 -17.32 33.61 -13.92
N PRO B 2 -12.95 13.47 12.87
CA PRO B 2 -11.80 13.02 12.08
C PRO B 2 -11.01 14.21 11.55
N VAL B 3 -10.70 15.16 12.44
CA VAL B 3 -9.96 16.37 12.07
C VAL B 3 -8.59 16.41 12.74
N LEU B 4 -7.56 16.57 11.92
CA LEU B 4 -6.19 16.69 12.43
C LEU B 4 -6.09 18.13 12.94
N THR B 5 -5.60 18.30 14.17
CA THR B 5 -5.50 19.61 14.76
C THR B 5 -4.06 20.07 14.90
N GLN B 6 -3.82 21.31 14.48
CA GLN B 6 -2.50 21.93 14.56
C GLN B 6 -2.62 23.32 15.18
N PRO B 7 -1.55 23.83 15.79
CA PRO B 7 -1.42 25.20 16.26
C PRO B 7 -1.43 26.14 15.06
N ALA B 8 -2.11 27.27 15.19
CA ALA B 8 -2.21 28.21 14.07
C ALA B 8 -0.85 28.77 13.69
N SER B 9 -0.01 29.01 14.68
CA SER B 9 1.29 29.63 14.43
C SER B 9 2.35 29.21 15.44
N VAL B 10 3.58 29.07 14.96
CA VAL B 10 4.73 28.76 15.79
C VAL B 10 5.83 29.78 15.58
N SER B 11 6.40 30.27 16.68
CA SER B 11 7.46 31.26 16.61
C SER B 11 8.74 30.73 17.25
N GLY B 12 9.84 31.41 16.98
CA GLY B 12 11.12 31.06 17.61
C GLY B 12 12.25 31.92 17.07
N SER B 13 13.35 31.95 17.81
CA SER B 13 14.54 32.69 17.43
C SER B 13 15.42 31.81 16.54
N PRO B 14 16.28 32.38 15.72
CA PRO B 14 17.21 31.67 14.88
C PRO B 14 18.19 30.88 15.73
N GLY B 15 18.45 29.65 15.33
CA GLY B 15 19.41 28.80 16.02
C GLY B 15 18.79 27.87 17.06
N GLN B 16 17.56 28.12 17.49
CA GLN B 16 16.98 27.25 18.51
C GLN B 16 16.11 26.18 17.89
N SER B 17 15.55 25.30 18.73
CA SER B 17 14.69 24.25 18.24
C SER B 17 13.22 24.55 18.53
N ILE B 18 12.37 24.20 17.59
CA ILE B 18 10.93 24.38 17.74
C ILE B 18 10.18 23.09 17.46
N THR B 19 8.96 22.99 17.98
CA THR B 19 8.13 21.83 17.71
C THR B 19 6.78 22.20 17.12
N ILE B 20 6.43 21.53 16.03
CA ILE B 20 5.12 21.69 15.40
C ILE B 20 4.33 20.40 15.59
N SER B 21 3.21 20.47 16.30
CA SER B 21 2.45 19.26 16.60
C SER B 21 1.28 19.05 15.65
N CYS B 22 0.82 17.80 15.58
CA CYS B 22 -0.38 17.40 14.83
C CYS B 22 -1.10 16.29 15.58
N THR B 23 -2.22 16.63 16.21
CA THR B 23 -2.89 15.67 17.09
C THR B 23 -4.20 15.15 16.50
N ALA B 24 -4.39 13.84 16.59
CA ALA B 24 -5.63 13.21 16.12
C ALA B 24 -6.76 13.52 17.09
N THR B 25 -7.98 13.57 16.56
CA THR B 25 -9.15 13.83 17.39
C THR B 25 -10.04 12.61 17.51
N SER B 26 -9.68 11.54 16.79
CA SER B 26 -10.48 10.33 16.77
C SER B 26 -9.62 9.08 16.64
N SER B 27 -10.28 7.94 16.52
CA SER B 27 -9.60 6.66 16.40
C SER B 27 -9.77 6.10 15.00
N ASP B 28 -10.33 6.91 14.11
CA ASP B 28 -10.57 6.50 12.73
C ASP B 28 -9.26 6.36 11.99
N VAL B 29 -8.20 6.91 12.57
CA VAL B 29 -6.87 6.87 12.00
C VAL B 29 -6.21 5.50 12.21
N GLY B 30 -6.81 4.68 13.06
CA GLY B 30 -6.29 3.35 13.33
C GLY B 30 -4.90 3.40 13.95
N ASN B 31 -3.95 2.73 13.29
CA ASN B 31 -2.58 2.67 13.78
C ASN B 31 -1.87 4.01 13.74
N TYR B 32 -2.40 4.95 12.95
CA TYR B 32 -1.83 6.29 12.84
C TYR B 32 -0.32 6.20 12.66
N ASN B 33 0.14 5.26 11.85
CA ASN B 33 1.57 5.02 11.67
C ASN B 33 2.08 5.46 10.31
N TYR B 34 1.30 6.29 9.63
CA TYR B 34 1.70 6.85 8.36
C TYR B 34 1.47 8.35 8.34
N VAL B 35 2.23 9.06 9.16
CA VAL B 35 2.07 10.50 9.26
C VAL B 35 3.11 11.19 8.39
N SER B 36 2.65 12.07 7.52
CA SER B 36 3.52 12.77 6.60
C SER B 36 3.51 14.28 6.85
N TRP B 37 4.67 14.91 6.71
CA TRP B 37 4.79 16.35 6.88
C TRP B 37 5.28 17.03 5.62
N TYR B 38 4.65 18.15 5.27
CA TYR B 38 5.00 18.91 4.09
C TYR B 38 5.41 20.33 4.41
N GLN B 39 6.35 20.86 3.63
CA GLN B 39 6.77 22.25 3.74
C GLN B 39 6.29 23.03 2.53
N HIS B 40 5.40 23.99 2.74
CA HIS B 40 4.84 24.72 1.62
C HIS B 40 5.27 26.18 1.59
N HIS B 41 6.07 26.52 0.59
CA HIS B 41 6.49 27.90 0.36
C HIS B 41 5.55 28.53 -0.66
N PRO B 42 5.10 29.77 -0.44
CA PRO B 42 4.27 30.51 -1.35
C PRO B 42 4.86 30.51 -2.75
N GLY B 43 4.05 30.14 -3.74
CA GLY B 43 4.48 30.12 -5.13
C GLY B 43 5.19 28.83 -5.53
N LYS B 44 5.38 27.93 -4.56
CA LYS B 44 6.12 26.70 -4.83
C LYS B 44 5.27 25.46 -4.52
N ALA B 45 5.61 24.35 -5.16
CA ALA B 45 4.96 23.08 -4.83
C ALA B 45 5.37 22.63 -3.43
N PRO B 46 4.46 22.06 -2.64
CA PRO B 46 4.70 21.45 -1.35
C PRO B 46 5.78 20.38 -1.44
N LYS B 47 6.71 20.40 -0.49
CA LYS B 47 7.79 19.43 -0.46
C LYS B 47 7.63 18.46 0.71
N LEU B 48 7.93 17.19 0.46
CA LEU B 48 7.85 16.19 1.53
C LEU B 48 9.10 16.25 2.39
N MET B 49 8.91 16.42 3.70
CA MET B 49 10.03 16.54 4.62
C MET B 49 10.20 15.29 5.46
N ILE B 50 9.08 14.79 5.97
CA ILE B 50 9.06 13.59 6.81
C ILE B 50 7.93 12.67 6.38
N TYR B 51 8.16 11.38 6.39
CA TYR B 51 7.11 10.42 6.07
C TYR B 51 7.18 9.23 7.00
N GLU B 52 6.07 8.50 7.12
CA GLU B 52 6.04 7.35 8.00
C GLU B 52 6.54 7.74 9.38
N VAL B 53 6.02 8.85 9.89
CA VAL B 53 6.30 9.38 11.23
C VAL B 53 7.69 9.98 11.38
N SER B 54 8.74 9.19 11.13
CA SER B 54 10.09 9.65 11.44
C SER B 54 11.12 9.50 10.31
N ASN B 55 10.70 9.03 9.14
CA ASN B 55 11.67 8.82 8.07
C ASN B 55 11.87 10.08 7.24
N ARG B 56 13.10 10.27 6.76
CA ARG B 56 13.40 11.38 5.87
C ARG B 56 13.55 10.89 4.44
N PRO B 57 13.09 11.66 3.45
CA PRO B 57 13.42 11.57 2.04
C PRO B 57 14.87 11.96 1.84
N SER B 58 15.45 11.56 0.71
CA SER B 58 16.78 12.04 0.37
C SER B 58 16.70 13.52 0.01
N GLY B 59 17.80 14.24 0.18
CA GLY B 59 17.83 15.65 -0.18
C GLY B 59 17.22 16.52 0.92
N VAL B 60 17.00 15.93 2.09
CA VAL B 60 16.40 16.63 3.22
C VAL B 60 17.39 16.75 4.36
N SER B 61 17.52 17.97 4.88
CA SER B 61 18.46 18.25 5.97
C SER B 61 18.15 17.46 7.23
N ASN B 62 19.21 17.11 7.96
CA ASN B 62 19.08 16.33 9.19
C ASN B 62 18.55 17.16 10.34
N ARG B 63 18.23 18.42 10.07
CA ARG B 63 17.63 19.29 11.06
C ARG B 63 16.15 18.96 11.23
N PHE B 64 15.61 18.17 10.29
CA PHE B 64 14.20 17.81 10.32
C PHE B 64 14.02 16.36 10.78
N SER B 65 13.25 16.17 11.83
CA SER B 65 12.96 14.84 12.37
C SER B 65 11.60 14.82 13.03
N GLY B 66 11.11 13.65 13.39
CA GLY B 66 9.80 13.57 14.04
C GLY B 66 9.58 12.26 14.77
N SER B 67 8.52 12.21 15.57
CA SER B 67 8.19 11.04 16.38
C SER B 67 6.75 11.11 16.87
N LYS B 68 6.29 10.02 17.48
CA LYS B 68 4.94 9.96 18.05
C LYS B 68 4.94 9.74 19.55
N SER B 69 3.88 10.24 20.18
CA SER B 69 3.52 9.86 21.54
C SER B 69 2.00 9.78 21.62
N GLY B 70 1.49 8.66 22.09
CA GLY B 70 0.03 8.50 22.10
C GLY B 70 -0.50 8.56 20.68
N ASN B 71 -1.45 9.47 20.44
CA ASN B 71 -2.04 9.63 19.13
C ASN B 71 -1.66 10.99 18.54
N THR B 72 -0.54 11.55 19.00
CA THR B 72 -0.06 12.84 18.52
C THR B 72 1.31 12.73 17.88
N ALA B 73 1.48 13.36 16.73
CA ALA B 73 2.75 13.36 16.04
C ALA B 73 3.42 14.72 16.17
N SER B 74 4.75 14.74 16.22
CA SER B 74 5.46 15.99 16.33
C SER B 74 6.59 16.11 15.31
N LEU B 75 6.69 17.29 14.70
CA LEU B 75 7.79 17.64 13.81
C LEU B 75 8.77 18.55 14.54
N THR B 76 10.02 18.14 14.61
CA THR B 76 11.03 18.93 15.28
C THR B 76 11.98 19.56 14.28
N ILE B 77 12.17 20.87 14.40
CA ILE B 77 13.09 21.60 13.54
C ILE B 77 14.21 22.22 14.36
N SER B 78 15.40 21.66 14.26
CA SER B 78 16.52 22.19 15.03
C SER B 78 17.31 23.18 14.20
N GLY B 79 18.06 24.06 14.86
CA GLY B 79 18.92 24.99 14.14
C GLY B 79 18.09 25.91 13.26
N LEU B 80 16.95 26.37 13.80
CA LEU B 80 16.01 27.15 13.02
C LEU B 80 16.71 28.20 12.17
N GLN B 81 16.43 28.18 10.88
CA GLN B 81 17.06 29.08 9.92
C GLN B 81 16.02 30.03 9.33
N ALA B 82 16.48 31.18 8.86
CA ALA B 82 15.60 32.19 8.27
C ALA B 82 14.89 31.66 7.02
N GLU B 83 15.42 30.59 6.45
CA GLU B 83 14.89 30.01 5.23
C GLU B 83 13.79 28.97 5.51
N ASP B 84 13.48 28.76 6.79
CA ASP B 84 12.50 27.76 7.18
C ASP B 84 11.09 28.31 7.27
N GLU B 85 10.89 29.57 6.89
CA GLU B 85 9.56 30.16 6.98
C GLU B 85 8.63 29.62 5.90
N ALA B 86 7.68 28.79 6.33
CA ALA B 86 6.77 28.13 5.43
C ALA B 86 5.53 27.67 6.18
N ASP B 87 4.50 27.31 5.44
CA ASP B 87 3.31 26.71 6.03
C ASP B 87 3.50 25.20 6.09
N TYR B 88 3.48 24.65 7.29
CA TYR B 88 3.70 23.22 7.44
C TYR B 88 2.37 22.49 7.58
N TYR B 89 2.25 21.39 6.86
CA TYR B 89 1.03 20.58 6.92
C TYR B 89 1.34 19.16 7.31
N CYS B 90 0.42 18.54 8.06
CA CYS B 90 0.49 17.12 8.39
C CYS B 90 -0.59 16.38 7.61
N SER B 91 -0.34 15.12 7.32
CA SER B 91 -1.31 14.29 6.61
C SER B 91 -1.28 12.87 7.10
N SER B 92 -2.45 12.24 7.15
CA SER B 92 -2.55 10.85 7.56
C SER B 92 -3.73 10.15 6.91
N TYR B 93 -3.90 8.87 7.22
CA TYR B 93 -4.98 8.08 6.65
C TYR B 93 -6.16 7.96 7.60
N THR B 94 -7.34 7.75 7.03
CA THR B 94 -8.53 7.42 7.80
C THR B 94 -9.17 6.18 7.23
N SER B 95 -10.32 5.80 7.78
CA SER B 95 -10.95 4.54 7.40
C SER B 95 -11.22 4.43 5.91
N SER B 96 -11.69 5.52 5.30
CA SER B 96 -12.09 5.48 3.90
C SER B 96 -11.42 6.53 3.03
N SER B 97 -10.46 7.27 3.59
CA SER B 97 -9.82 8.34 2.84
C SER B 97 -8.51 8.78 3.47
N LEU B 98 -8.05 9.95 3.07
CA LEU B 98 -6.85 10.56 3.65
C LEU B 98 -7.12 12.03 3.90
N LEU B 99 -6.52 12.57 4.95
CA LEU B 99 -6.77 13.95 5.34
C LEU B 99 -5.50 14.77 5.53
N PHE B 100 -5.65 16.08 5.36
CA PHE B 100 -4.58 17.03 5.67
C PHE B 100 -4.96 17.86 6.88
N GLY B 101 -3.97 18.37 7.60
CA GLY B 101 -4.21 19.18 8.79
C GLY B 101 -4.51 20.63 8.43
N GLY B 102 -4.81 21.42 9.45
CA GLY B 102 -5.18 22.83 9.29
C GLY B 102 -4.06 23.69 8.70
N GLY B 103 -2.81 23.36 9.03
CA GLY B 103 -1.68 24.13 8.55
C GLY B 103 -1.11 25.04 9.63
N THR B 104 0.21 24.98 9.81
CA THR B 104 0.89 25.79 10.81
C THR B 104 1.79 26.82 10.15
N LYS B 105 1.63 28.09 10.51
CA LYS B 105 2.49 29.12 9.95
C LYS B 105 3.70 29.36 10.84
N LEU B 106 4.89 29.10 10.30
CA LEU B 106 6.12 29.29 11.06
C LEU B 106 6.80 30.61 10.71
N THR B 107 7.05 31.41 11.74
CA THR B 107 7.74 32.68 11.58
C THR B 107 9.09 32.66 12.32
N VAL B 108 10.13 33.11 11.65
CA VAL B 108 11.46 33.13 12.24
C VAL B 108 11.87 34.55 12.57
N LEU B 109 12.26 34.78 13.82
CA LEU B 109 12.59 36.11 14.28
C LEU B 109 13.97 36.52 13.76
N GLY B 110 14.24 37.83 13.75
CA GLY B 110 15.53 38.36 13.30
C GLY B 110 15.41 39.83 12.91
N ASN C 331 24.48 -20.92 -14.22
CA ASN C 331 23.04 -20.98 -14.43
C ASN C 331 22.31 -20.79 -13.10
N LEU C 332 22.29 -19.53 -12.61
CA LEU C 332 21.67 -19.18 -11.34
C LEU C 332 20.17 -19.47 -11.34
N CYS C 333 19.64 -19.88 -10.17
CA CYS C 333 18.27 -20.27 -10.02
C CYS C 333 17.34 -19.08 -9.81
N PRO C 334 16.32 -18.91 -10.65
CA PRO C 334 15.46 -17.75 -10.77
C PRO C 334 14.45 -17.60 -9.62
N PHE C 335 14.96 -17.32 -8.43
CA PHE C 335 14.10 -17.03 -7.28
C PHE C 335 13.50 -15.64 -7.42
N ASP C 336 14.12 -14.82 -8.25
CA ASP C 336 13.70 -13.44 -8.47
C ASP C 336 12.24 -13.37 -8.93
N GLU C 337 11.84 -14.33 -9.76
CA GLU C 337 10.49 -14.33 -10.33
C GLU C 337 9.46 -14.85 -9.33
N VAL C 338 9.92 -15.35 -8.20
CA VAL C 338 9.05 -15.91 -7.19
C VAL C 338 8.81 -14.92 -6.07
N PHE C 339 9.90 -14.33 -5.56
CA PHE C 339 9.84 -13.46 -4.39
C PHE C 339 9.67 -11.97 -4.74
N ASN C 340 10.10 -11.56 -5.93
CA ASN C 340 10.04 -10.15 -6.35
C ASN C 340 9.02 -9.94 -7.47
N ALA C 341 7.97 -10.76 -7.50
CA ALA C 341 6.90 -10.67 -8.49
C ALA C 341 6.04 -9.43 -8.26
N THR C 342 5.48 -8.90 -9.34
CA THR C 342 4.66 -7.70 -9.27
C THR C 342 3.23 -8.02 -8.89
N ARG C 343 2.86 -9.29 -8.99
CA ARG C 343 1.51 -9.73 -8.66
C ARG C 343 1.50 -11.09 -8.00
N PHE C 344 0.77 -11.20 -6.89
CA PHE C 344 0.61 -12.46 -6.20
C PHE C 344 -0.81 -12.98 -6.31
N ALA C 345 -0.95 -14.29 -6.29
CA ALA C 345 -2.24 -14.95 -6.38
C ALA C 345 -2.98 -14.87 -5.07
N SER C 346 -4.30 -14.94 -5.14
CA SER C 346 -5.14 -15.03 -3.96
C SER C 346 -5.00 -16.42 -3.35
N VAL C 347 -5.31 -16.55 -2.07
CA VAL C 347 -5.11 -17.81 -1.37
C VAL C 347 -6.02 -18.93 -1.85
N TYR C 348 -7.23 -18.60 -2.32
CA TYR C 348 -8.15 -19.63 -2.77
C TYR C 348 -7.67 -20.29 -4.06
N ALA C 349 -6.77 -19.61 -4.76
CA ALA C 349 -6.25 -20.09 -6.03
C ALA C 349 -4.74 -19.86 -6.07
N TRP C 350 -4.03 -20.52 -5.16
CA TRP C 350 -2.61 -20.31 -4.98
C TRP C 350 -1.83 -20.73 -6.22
N ASN C 351 -0.73 -20.03 -6.49
CA ASN C 351 0.05 -20.27 -7.70
C ASN C 351 1.30 -21.10 -7.45
N ARG C 352 1.49 -22.13 -8.26
CA ARG C 352 2.67 -22.98 -8.15
C ARG C 352 3.50 -22.99 -9.43
N LYS C 353 4.82 -22.94 -9.29
CA LYS C 353 5.71 -23.13 -10.42
C LYS C 353 6.87 -24.04 -10.05
N ARG C 354 7.32 -24.84 -11.00
CA ARG C 354 8.41 -25.79 -10.77
C ARG C 354 9.77 -25.15 -10.95
N ILE C 355 10.68 -25.51 -10.06
CA ILE C 355 12.07 -25.06 -10.12
C ILE C 355 12.99 -26.25 -10.38
N SER C 356 13.82 -26.15 -11.42
CA SER C 356 14.71 -27.25 -11.78
C SER C 356 15.88 -26.79 -12.62
N ASN C 357 16.88 -27.66 -12.76
CA ASN C 357 18.02 -27.42 -13.64
C ASN C 357 18.71 -26.09 -13.36
N CYS C 358 19.03 -25.83 -12.09
CA CYS C 358 19.62 -24.55 -11.67
C CYS C 358 20.50 -24.74 -10.43
N VAL C 359 21.32 -23.73 -10.15
CA VAL C 359 22.06 -23.70 -8.89
C VAL C 359 21.37 -22.73 -7.94
N ALA C 360 20.86 -23.27 -6.84
CA ALA C 360 20.01 -22.50 -5.96
C ALA C 360 20.73 -22.06 -4.71
N ASP C 361 21.13 -20.80 -4.66
CA ASP C 361 21.69 -20.23 -3.46
C ASP C 361 20.59 -19.56 -2.67
N TYR C 362 20.52 -19.85 -1.38
CA TYR C 362 19.47 -19.31 -0.54
C TYR C 362 19.95 -18.06 0.17
N SER C 363 21.13 -17.58 -0.21
CA SER C 363 21.75 -16.39 0.36
C SER C 363 21.02 -15.11 -0.02
N VAL C 364 20.55 -15.06 -1.26
CA VAL C 364 19.92 -13.87 -1.82
C VAL C 364 18.59 -13.40 -1.24
N LEU C 365 17.79 -14.33 -0.73
CA LEU C 365 16.48 -13.97 -0.19
C LEU C 365 16.45 -13.85 1.32
N TYR C 366 17.40 -13.10 1.88
CA TYR C 366 17.39 -12.75 3.31
C TYR C 366 17.25 -11.24 3.49
N ASN C 367 17.02 -10.52 2.40
CA ASN C 367 16.96 -9.05 2.45
C ASN C 367 15.70 -8.51 1.76
N LEU C 368 14.61 -9.28 1.85
CA LEU C 368 13.35 -8.90 1.22
C LEU C 368 12.53 -8.01 2.14
N ALA C 369 12.92 -8.00 3.41
CA ALA C 369 12.11 -7.48 4.47
C ALA C 369 12.88 -7.61 5.79
N PRO C 370 12.30 -7.15 6.91
CA PRO C 370 12.62 -7.57 8.25
C PRO C 370 12.57 -9.10 8.34
N PHE C 371 11.87 -9.75 7.39
CA PHE C 371 11.83 -11.20 7.32
C PHE C 371 11.15 -11.75 8.55
N PHE C 372 9.84 -11.51 8.64
CA PHE C 372 9.05 -11.78 9.84
C PHE C 372 8.98 -13.25 10.15
N THR C 373 8.79 -14.07 9.13
CA THR C 373 8.76 -15.52 9.32
C THR C 373 9.67 -16.24 8.36
N PHE C 374 10.43 -17.17 8.90
CA PHE C 374 11.20 -18.11 8.10
C PHE C 374 11.50 -19.36 8.91
N LYS C 375 10.79 -20.44 8.59
CA LYS C 375 10.93 -21.69 9.33
C LYS C 375 10.90 -22.87 8.38
N CYS C 376 11.72 -23.87 8.65
CA CYS C 376 11.83 -25.07 7.82
C CYS C 376 11.44 -26.31 8.59
N TYR C 377 11.01 -27.34 7.85
CA TYR C 377 10.60 -28.61 8.43
C TYR C 377 11.40 -29.76 7.83
N GLY C 378 12.18 -30.43 8.68
CA GLY C 378 13.00 -31.56 8.27
C GLY C 378 14.39 -31.14 7.82
N VAL C 379 14.58 -29.83 7.63
CA VAL C 379 15.86 -29.31 7.18
C VAL C 379 16.20 -28.02 7.90
N SER C 380 17.46 -27.86 8.29
CA SER C 380 17.88 -26.60 8.91
C SER C 380 18.04 -25.51 7.86
N PRO C 381 17.49 -24.31 8.11
CA PRO C 381 17.59 -23.12 7.27
C PRO C 381 19.03 -22.72 6.98
N THR C 382 19.95 -23.14 7.85
CA THR C 382 21.35 -22.77 7.75
C THR C 382 22.15 -23.73 6.87
N LYS C 383 21.57 -24.89 6.60
CA LYS C 383 22.28 -25.93 5.85
C LYS C 383 21.70 -26.14 4.47
N LEU C 384 20.88 -25.21 4.00
CA LEU C 384 20.29 -25.34 2.69
C LEU C 384 21.35 -25.24 1.59
N ASN C 385 22.36 -24.39 1.81
CA ASN C 385 23.43 -24.23 0.83
C ASN C 385 24.50 -25.29 1.04
N ASP C 386 24.06 -26.55 1.02
CA ASP C 386 24.91 -27.69 1.26
C ASP C 386 24.25 -28.92 0.70
N LEU C 387 22.94 -28.81 0.47
CA LEU C 387 22.17 -29.94 -0.03
C LEU C 387 21.70 -29.78 -1.46
N CYS C 388 21.34 -30.91 -2.06
CA CYS C 388 20.85 -30.94 -3.43
C CYS C 388 19.50 -31.62 -3.47
N PHE C 389 18.56 -31.08 -4.24
CA PHE C 389 17.17 -31.51 -4.21
C PHE C 389 16.71 -32.08 -5.56
N THR C 390 15.74 -32.98 -5.49
CA THR C 390 15.16 -33.58 -6.69
C THR C 390 14.04 -32.75 -7.30
N ASN C 391 13.09 -32.35 -6.47
CA ASN C 391 11.93 -31.58 -6.94
C ASN C 391 11.63 -30.41 -6.03
N VAL C 392 11.78 -29.19 -6.56
CA VAL C 392 11.50 -28.00 -5.77
C VAL C 392 10.35 -27.23 -6.38
N TYR C 393 9.36 -26.89 -5.55
CA TYR C 393 8.22 -26.12 -6.02
C TYR C 393 7.98 -24.91 -5.15
N ALA C 394 7.60 -23.79 -5.76
CA ALA C 394 7.31 -22.58 -5.00
C ALA C 394 5.84 -22.21 -5.10
N ASP C 395 5.15 -22.27 -3.96
CA ASP C 395 3.72 -21.96 -3.89
C ASP C 395 3.50 -20.60 -3.24
N SER C 396 2.95 -19.65 -4.00
CA SER C 396 2.80 -18.29 -3.48
C SER C 396 1.34 -17.83 -3.38
N PHE C 397 1.05 -17.05 -2.32
CA PHE C 397 -0.29 -16.49 -2.10
C PHE C 397 -0.28 -15.37 -1.05
N VAL C 398 -1.39 -14.61 -0.99
CA VAL C 398 -1.53 -13.52 0.00
C VAL C 398 -2.66 -13.76 1.01
N ILE C 399 -2.31 -13.65 2.30
CA ILE C 399 -3.23 -13.84 3.41
C ILE C 399 -3.08 -12.76 4.47
N ARG C 400 -3.88 -12.82 5.53
CA ARG C 400 -3.72 -11.89 6.66
C ARG C 400 -2.58 -12.33 7.57
N GLY C 401 -2.01 -11.39 8.30
CA GLY C 401 -0.89 -11.69 9.20
C GLY C 401 -1.23 -12.75 10.25
N ASP C 402 -2.45 -12.71 10.80
CA ASP C 402 -2.78 -13.65 11.86
C ASP C 402 -3.25 -15.00 11.31
N GLU C 403 -3.14 -15.18 10.00
CA GLU C 403 -3.44 -16.44 9.36
C GLU C 403 -2.15 -17.17 8.96
N VAL C 404 -1.01 -16.50 9.15
CA VAL C 404 0.27 -17.08 8.76
C VAL C 404 0.56 -18.33 9.58
N ARG C 405 0.07 -18.36 10.81
CA ARG C 405 0.25 -19.48 11.70
C ARG C 405 -0.46 -20.75 11.21
N GLN C 406 -1.40 -20.62 10.28
CA GLN C 406 -2.12 -21.77 9.79
C GLN C 406 -1.35 -22.53 8.73
N ILE C 407 -0.31 -21.91 8.19
CA ILE C 407 0.47 -22.58 7.15
C ILE C 407 1.59 -23.37 7.78
N ALA C 408 1.22 -24.51 8.32
CA ALA C 408 2.12 -25.44 8.96
C ALA C 408 1.41 -26.80 9.08
N PRO C 409 2.16 -27.89 9.13
CA PRO C 409 1.67 -29.24 9.36
C PRO C 409 0.87 -29.34 10.65
N GLY C 410 -0.28 -30.00 10.57
CA GLY C 410 -1.09 -30.27 11.75
C GLY C 410 -2.01 -29.12 12.15
N GLN C 411 -1.97 -28.01 11.42
CA GLN C 411 -2.80 -26.86 11.78
C GLN C 411 -4.20 -26.95 11.20
N THR C 412 -5.11 -26.23 11.84
CA THR C 412 -6.51 -26.13 11.41
C THR C 412 -7.07 -24.75 11.68
N GLY C 413 -8.11 -24.38 10.94
CA GLY C 413 -8.77 -23.10 11.15
C GLY C 413 -9.70 -22.76 9.99
N ASN C 414 -9.14 -22.13 8.96
CA ASN C 414 -9.90 -21.77 7.79
C ASN C 414 -9.05 -21.92 6.54
N ILE C 415 -7.89 -21.30 6.53
CA ILE C 415 -7.01 -21.36 5.38
C ILE C 415 -6.50 -22.78 5.23
N ALA C 416 -6.10 -23.37 6.34
CA ALA C 416 -5.57 -24.73 6.34
C ALA C 416 -6.59 -25.73 5.80
N ASP C 417 -7.87 -25.49 6.05
CA ASP C 417 -8.89 -26.46 5.69
C ASP C 417 -9.55 -26.22 4.34
N TYR C 418 -9.70 -24.95 3.93
CA TYR C 418 -10.45 -24.68 2.71
C TYR C 418 -9.64 -24.04 1.58
N ASN C 419 -8.44 -23.56 1.87
CA ASN C 419 -7.69 -22.82 0.86
C ASN C 419 -6.35 -23.45 0.51
N TYR C 420 -5.56 -23.80 1.53
CA TYR C 420 -4.22 -24.32 1.31
C TYR C 420 -3.77 -25.24 2.43
N LYS C 421 -3.77 -26.54 2.16
CA LYS C 421 -3.42 -27.55 3.16
C LYS C 421 -2.02 -28.13 2.93
N LEU C 422 -1.24 -28.21 4.01
CA LEU C 422 0.04 -28.91 3.97
C LEU C 422 -0.11 -30.29 4.59
N PRO C 423 0.65 -31.29 4.10
CA PRO C 423 0.70 -32.65 4.61
C PRO C 423 1.41 -32.72 5.95
N ASP C 424 1.06 -33.72 6.75
CA ASP C 424 1.63 -33.90 8.08
C ASP C 424 3.12 -34.20 8.03
N ASP C 425 3.56 -34.82 6.93
CA ASP C 425 4.96 -35.17 6.76
C ASP C 425 5.68 -34.21 5.82
N PHE C 426 5.17 -32.99 5.73
CA PHE C 426 5.75 -31.95 4.89
C PHE C 426 7.22 -31.69 5.18
N THR C 427 8.01 -31.60 4.13
CA THR C 427 9.40 -31.18 4.23
C THR C 427 9.64 -30.01 3.29
N GLY C 428 10.17 -28.92 3.85
CA GLY C 428 10.34 -27.71 3.07
C GLY C 428 10.42 -26.49 3.98
N CYS C 429 10.38 -25.29 3.39
CA CYS C 429 10.51 -24.04 4.14
C CYS C 429 9.37 -23.07 3.82
N VAL C 430 8.90 -22.39 4.86
CA VAL C 430 7.84 -21.39 4.75
C VAL C 430 8.43 -20.00 4.99
N ILE C 431 8.27 -19.13 3.99
CA ILE C 431 8.78 -17.76 4.05
C ILE C 431 7.65 -16.76 3.95
N ALA C 432 7.61 -15.78 4.86
CA ALA C 432 6.56 -14.78 4.78
C ALA C 432 7.02 -13.42 5.27
N TRP C 433 6.47 -12.37 4.67
CA TRP C 433 6.80 -11.02 5.09
C TRP C 433 5.65 -10.04 4.92
N ASN C 434 5.71 -8.94 5.67
CA ASN C 434 4.68 -7.91 5.65
C ASN C 434 4.76 -7.10 4.38
N SER C 435 3.66 -7.07 3.62
CA SER C 435 3.65 -6.40 2.33
C SER C 435 2.60 -5.30 2.29
N ASN C 436 2.29 -4.72 3.44
CA ASN C 436 1.29 -3.67 3.54
C ASN C 436 1.56 -2.56 2.53
N LYS C 437 2.82 -2.18 2.37
CA LYS C 437 3.19 -1.05 1.53
C LYS C 437 2.95 -1.30 0.05
N LEU C 438 2.69 -2.55 -0.32
CA LEU C 438 2.42 -2.88 -1.72
C LEU C 438 0.95 -3.24 -1.95
N ASP C 439 0.35 -3.96 -1.00
CA ASP C 439 -0.97 -4.52 -1.20
C ASP C 439 -2.13 -3.68 -0.65
N SER C 440 -1.88 -2.85 0.36
CA SER C 440 -2.97 -2.08 0.94
C SER C 440 -3.40 -0.95 0.03
N LYS C 441 -4.64 -0.49 0.17
CA LYS C 441 -5.13 0.68 -0.55
C LYS C 441 -5.92 1.61 0.37
N VAL C 442 -6.02 2.87 -0.03
CA VAL C 442 -6.64 3.90 0.81
C VAL C 442 -8.03 3.53 1.31
N SER C 443 -8.85 2.89 0.46
CA SER C 443 -10.19 2.53 0.89
C SER C 443 -10.42 1.03 0.84
N GLY C 444 -9.32 0.27 0.90
CA GLY C 444 -9.41 -1.18 0.94
C GLY C 444 -9.11 -1.85 -0.40
N ASN C 445 -8.19 -2.82 -0.36
CA ASN C 445 -7.86 -3.62 -1.53
C ASN C 445 -8.73 -4.87 -1.55
N TYR C 446 -9.64 -4.95 -2.51
CA TYR C 446 -10.63 -6.03 -2.57
C TYR C 446 -10.30 -7.08 -3.63
N ASN C 447 -9.07 -7.06 -4.13
CA ASN C 447 -8.68 -7.98 -5.19
C ASN C 447 -8.18 -9.32 -4.66
N TYR C 448 -8.10 -9.46 -3.34
CA TYR C 448 -7.64 -10.72 -2.76
C TYR C 448 -8.79 -11.48 -2.13
N LEU C 449 -9.04 -12.68 -2.65
CA LEU C 449 -10.15 -13.51 -2.20
C LEU C 449 -9.70 -14.77 -1.46
N TYR C 450 -10.57 -15.24 -0.57
CA TYR C 450 -10.37 -16.51 0.10
C TYR C 450 -11.69 -17.26 0.19
N ARG C 451 -11.62 -18.58 0.34
CA ARG C 451 -12.81 -19.40 0.46
C ARG C 451 -13.30 -19.51 1.88
N LEU C 452 -14.59 -19.28 2.07
CA LEU C 452 -15.21 -19.36 3.39
C LEU C 452 -16.00 -20.66 3.51
N PHE C 453 -16.75 -21.00 2.46
CA PHE C 453 -17.63 -22.16 2.51
C PHE C 453 -17.18 -23.29 1.61
N ARG C 454 -17.23 -24.51 2.15
CA ARG C 454 -16.98 -25.71 1.38
C ARG C 454 -17.65 -26.91 2.06
N LYS C 455 -17.95 -27.95 1.28
CA LYS C 455 -18.59 -29.13 1.83
C LYS C 455 -17.64 -29.97 2.69
N SER C 456 -16.42 -30.14 2.20
CA SER C 456 -15.43 -30.97 2.91
C SER C 456 -14.08 -30.29 2.96
N ASN C 457 -13.21 -30.77 3.84
CA ASN C 457 -11.86 -30.22 3.97
C ASN C 457 -10.98 -30.66 2.81
N LEU C 458 -9.97 -29.86 2.51
CA LEU C 458 -9.03 -30.18 1.43
C LEU C 458 -8.00 -31.21 1.85
N LYS C 459 -7.52 -31.96 0.87
CA LYS C 459 -6.36 -32.82 1.06
C LYS C 459 -5.12 -31.99 0.74
N PRO C 460 -3.93 -32.41 1.17
CA PRO C 460 -2.69 -31.70 0.97
C PRO C 460 -2.46 -31.29 -0.47
N PHE C 461 -2.13 -30.02 -0.67
CA PHE C 461 -1.81 -29.44 -1.95
C PHE C 461 -2.93 -29.50 -2.99
N GLU C 462 -4.17 -29.60 -2.54
CA GLU C 462 -5.29 -29.46 -3.47
C GLU C 462 -5.66 -28.00 -3.68
N ARG C 463 -6.25 -27.70 -4.83
CA ARG C 463 -6.71 -26.36 -5.14
C ARG C 463 -8.16 -26.38 -5.59
N ASP C 464 -9.00 -25.60 -4.94
CA ASP C 464 -10.41 -25.55 -5.30
C ASP C 464 -10.77 -24.21 -5.93
N ILE C 465 -10.95 -24.20 -7.24
CA ILE C 465 -11.18 -22.97 -8.00
C ILE C 465 -12.66 -22.66 -8.16
N SER C 466 -13.49 -23.69 -8.18
CA SER C 466 -14.90 -23.53 -8.49
C SER C 466 -15.56 -22.42 -7.69
N THR C 467 -16.43 -21.66 -8.36
CA THR C 467 -17.15 -20.57 -7.74
C THR C 467 -18.64 -20.87 -7.66
N GLU C 468 -18.99 -22.15 -7.78
CA GLU C 468 -20.39 -22.57 -7.74
C GLU C 468 -21.00 -22.29 -6.37
N ILE C 469 -22.27 -21.91 -6.37
CA ILE C 469 -22.95 -21.50 -5.16
C ILE C 469 -23.14 -22.66 -4.18
N TYR C 470 -22.87 -22.38 -2.91
CA TYR C 470 -22.93 -23.36 -1.84
C TYR C 470 -24.30 -23.44 -1.19
N GLN C 471 -24.83 -24.64 -1.07
CA GLN C 471 -26.12 -24.88 -0.43
C GLN C 471 -25.92 -25.27 1.03
N ALA C 472 -26.49 -24.48 1.93
CA ALA C 472 -26.35 -24.72 3.37
C ALA C 472 -27.64 -25.24 3.97
N GLY C 473 -28.68 -25.33 3.16
CA GLY C 473 -29.99 -25.73 3.65
C GLY C 473 -30.47 -27.00 2.96
N ASN C 474 -31.78 -27.23 3.04
CA ASN C 474 -32.38 -28.43 2.46
C ASN C 474 -33.10 -28.11 1.16
N LYS C 475 -32.93 -26.88 0.67
CA LYS C 475 -33.57 -26.49 -0.57
C LYS C 475 -32.51 -26.06 -1.60
N PRO C 476 -32.73 -26.42 -2.87
CA PRO C 476 -31.94 -26.03 -4.01
C PRO C 476 -32.17 -24.56 -4.38
N CYS C 477 -31.27 -23.69 -3.93
CA CYS C 477 -31.39 -22.23 -4.18
C CYS C 477 -31.11 -21.90 -5.66
N ASN C 478 -30.47 -22.85 -6.35
CA ASN C 478 -30.25 -22.74 -7.80
C ASN C 478 -29.56 -21.45 -8.21
N GLY C 479 -28.54 -21.04 -7.44
CA GLY C 479 -27.75 -19.87 -7.81
C GLY C 479 -28.23 -18.60 -7.12
N VAL C 480 -29.41 -18.67 -6.49
CA VAL C 480 -29.95 -17.49 -5.84
C VAL C 480 -29.42 -17.35 -4.43
N ALA C 481 -28.72 -16.23 -4.18
CA ALA C 481 -28.12 -16.00 -2.88
C ALA C 481 -29.15 -15.53 -1.87
N GLY C 482 -30.03 -16.45 -1.48
CA GLY C 482 -31.09 -16.19 -0.52
C GLY C 482 -30.70 -16.72 0.85
N PHE C 483 -31.64 -17.35 1.54
CA PHE C 483 -31.35 -17.89 2.85
C PHE C 483 -30.71 -19.28 2.71
N ASN C 484 -29.83 -19.62 3.64
CA ASN C 484 -29.15 -20.92 3.60
C ASN C 484 -28.51 -21.19 2.23
N CYS C 485 -27.89 -20.16 1.65
CA CYS C 485 -27.25 -20.24 0.34
C CYS C 485 -26.21 -19.14 0.25
N TYR C 486 -24.97 -19.50 -0.05
CA TYR C 486 -23.88 -18.54 0.03
C TYR C 486 -22.94 -18.58 -1.15
N PHE C 487 -22.37 -17.42 -1.47
CA PHE C 487 -21.26 -17.35 -2.42
C PHE C 487 -19.96 -17.72 -1.66
N PRO C 488 -19.27 -18.79 -2.07
CA PRO C 488 -18.12 -19.38 -1.43
C PRO C 488 -16.97 -18.43 -1.09
N LEU C 489 -16.74 -17.40 -1.90
CA LEU C 489 -15.56 -16.55 -1.72
C LEU C 489 -15.87 -15.18 -1.10
N ARG C 490 -14.92 -14.67 -0.33
CA ARG C 490 -14.99 -13.33 0.26
C ARG C 490 -13.68 -12.57 0.13
N SER C 491 -13.74 -11.24 0.19
CA SER C 491 -12.57 -10.38 0.05
C SER C 491 -11.94 -10.02 1.40
N TYR C 492 -10.63 -9.79 1.39
CA TYR C 492 -9.88 -9.42 2.60
C TYR C 492 -9.99 -7.93 2.95
N SER C 493 -10.21 -7.08 1.96
CA SER C 493 -10.27 -5.62 2.14
C SER C 493 -9.15 -5.08 3.03
N PHE C 494 -7.94 -5.01 2.49
CA PHE C 494 -6.76 -4.56 3.24
C PHE C 494 -6.61 -3.04 3.23
N ARG C 495 -6.36 -2.45 4.41
CA ARG C 495 -6.18 -1.00 4.54
C ARG C 495 -4.93 -0.62 5.35
N PRO C 496 -4.30 0.53 5.04
CA PRO C 496 -3.14 1.13 5.71
C PRO C 496 -3.35 1.38 7.20
N THR C 497 -4.60 1.51 7.61
CA THR C 497 -4.92 1.86 9.00
C THR C 497 -5.02 0.65 9.91
N TYR C 498 -4.94 -0.54 9.34
CA TYR C 498 -5.07 -1.77 10.13
C TYR C 498 -3.84 -2.01 10.97
N GLY C 499 -4.04 -2.55 12.16
CA GLY C 499 -2.93 -2.95 13.01
C GLY C 499 -2.37 -4.27 12.52
N VAL C 500 -1.21 -4.64 13.04
CA VAL C 500 -0.57 -5.88 12.60
C VAL C 500 -1.45 -7.06 12.93
N GLY C 501 -1.56 -7.97 11.97
CA GLY C 501 -2.42 -9.14 12.10
C GLY C 501 -3.58 -9.06 11.13
N HIS C 502 -3.97 -7.85 10.79
CA HIS C 502 -5.01 -7.62 9.79
C HIS C 502 -4.39 -7.13 8.50
N GLN C 503 -3.08 -6.89 8.55
CA GLN C 503 -2.31 -6.45 7.40
C GLN C 503 -2.01 -7.66 6.52
N PRO C 504 -1.83 -7.47 5.22
CA PRO C 504 -1.49 -8.48 4.24
C PRO C 504 -0.06 -8.97 4.39
N TYR C 505 0.12 -10.27 4.22
CA TYR C 505 1.43 -10.90 4.19
C TYR C 505 1.58 -11.75 2.95
N ARG C 506 2.76 -11.70 2.36
CA ARG C 506 3.05 -12.52 1.20
C ARG C 506 3.75 -13.79 1.64
N VAL C 507 3.18 -14.92 1.27
CA VAL C 507 3.70 -16.20 1.70
C VAL C 507 4.19 -17.03 0.54
N VAL C 508 5.41 -17.52 0.66
CA VAL C 508 5.99 -18.43 -0.33
C VAL C 508 6.42 -19.72 0.34
N VAL C 509 5.89 -20.84 -0.12
CA VAL C 509 6.25 -22.12 0.44
C VAL C 509 7.11 -22.92 -0.53
N LEU C 510 8.33 -23.25 -0.11
CA LEU C 510 9.23 -24.02 -0.95
C LEU C 510 9.23 -25.46 -0.49
N SER C 511 8.61 -26.34 -1.26
CA SER C 511 8.57 -27.75 -0.90
C SER C 511 9.76 -28.46 -1.48
N PHE C 512 10.35 -29.36 -0.70
CA PHE C 512 11.53 -30.10 -1.14
C PHE C 512 11.25 -31.58 -1.27
N GLU C 513 12.03 -32.24 -2.10
CA GLU C 513 12.06 -33.68 -2.14
C GLU C 513 13.50 -34.16 -2.03
N LEU C 514 13.90 -34.49 -0.80
CA LEU C 514 15.27 -34.92 -0.51
C LEU C 514 15.33 -36.41 -0.26
N LEU C 515 15.83 -37.14 -1.25
CA LEU C 515 15.88 -38.60 -1.20
C LEU C 515 16.85 -39.17 -2.24
N HIS C 516 16.84 -40.50 -2.40
CA HIS C 516 17.86 -41.20 -3.19
C HIS C 516 17.74 -40.97 -4.70
N ALA C 517 16.65 -40.35 -5.14
CA ALA C 517 16.45 -40.08 -6.56
C ALA C 517 17.51 -39.11 -7.07
N PRO C 518 17.85 -39.15 -8.36
CA PRO C 518 18.73 -38.22 -9.04
C PRO C 518 18.30 -36.79 -8.77
N ALA C 519 19.23 -35.94 -8.35
CA ALA C 519 18.92 -34.57 -7.98
C ALA C 519 19.25 -33.60 -9.11
N THR C 520 18.58 -32.46 -9.12
CA THR C 520 18.77 -31.46 -10.16
C THR C 520 19.12 -30.06 -9.63
N VAL C 521 18.61 -29.69 -8.45
CA VAL C 521 18.85 -28.35 -7.92
C VAL C 521 19.80 -28.38 -6.74
N CYS C 522 21.07 -28.05 -6.98
CA CYS C 522 22.13 -28.12 -5.96
C CYS C 522 22.53 -26.72 -5.51
N GLY C 523 23.07 -26.62 -4.30
CA GLY C 523 23.64 -25.37 -3.83
C GLY C 523 24.94 -25.06 -4.56
N PRO C 524 25.51 -23.87 -4.32
CA PRO C 524 26.66 -23.27 -4.97
C PRO C 524 28.00 -23.81 -4.49
N LYS C 525 28.29 -25.07 -4.78
CA LYS C 525 29.58 -25.65 -4.40
C LYS C 525 30.44 -26.05 -5.59
N LYS C 526 31.75 -26.13 -5.36
CA LYS C 526 32.71 -26.54 -6.37
C LYS C 526 32.83 -28.06 -6.44
N SER C 527 33.37 -28.57 -7.56
CA SER C 527 33.61 -29.99 -7.74
C SER C 527 35.02 -30.36 -7.30
#